data_3EW5
#
_entry.id   3EW5
#
_cell.length_a   161.130
_cell.length_b   161.130
_cell.length_c   98.290
_cell.angle_alpha   90.00
_cell.angle_beta   90.00
_cell.angle_gamma   90.00
#
_symmetry.space_group_name_H-M   'P 41 21 2'
#
loop_
_entity.id
_entity.type
_entity.pdbx_description
1 polymer 'macro domain of Non-structural protein 3'
2 non-polymer 'CHLORIDE ION'
3 non-polymer 'SULFATE ION'
4 non-polymer SN-GLYCEROL-1-PHOSPHATE
5 water water
#
_entity_poly.entity_id   1
_entity_poly.type   'polypeptide(L)'
_entity_poly.pdbx_seq_one_letter_code
;DLILPFYKAGKVSFYQGDLDVLINFLEPDVLVNAANGDLRHVGGVARAIDVFTGGKLTKRSKEYLKSSKAIAPGNAVLFE
NVLEHLSVLNAVGPRNGDSRVEGKLCNVYKAIAKCDGKILTPLISVGIFKVKLEVSLQCLLKTVTDRDLNVFVYTDQERV
TIENFFNG
;
_entity_poly.pdbx_strand_id   A,B,C
#
loop_
_chem_comp.id
_chem_comp.type
_chem_comp.name
_chem_comp.formula
1GP non-polymer SN-GLYCEROL-1-PHOSPHATE 'C3 H9 O6 P'
CL non-polymer 'CHLORIDE ION' 'Cl -1'
SO4 non-polymer 'SULFATE ION' 'O4 S -2'
#
# COMPACT_ATOMS: atom_id res chain seq x y z
N ASP A 1 1.12 -2.25 8.45
CA ASP A 1 1.54 -3.40 9.31
C ASP A 1 1.83 -4.71 8.56
N LEU A 2 0.82 -5.27 7.86
CA LEU A 2 0.94 -6.64 7.30
C LEU A 2 1.38 -6.80 5.81
N ILE A 3 1.83 -5.71 5.17
CA ILE A 3 2.77 -5.81 4.04
C ILE A 3 4.02 -5.10 4.50
N LEU A 4 5.15 -5.81 4.56
CA LEU A 4 6.35 -5.19 5.10
C LEU A 4 7.37 -4.84 4.05
N PRO A 5 7.94 -3.64 4.18
CA PRO A 5 8.97 -3.23 3.24
C PRO A 5 10.06 -4.27 3.34
N PHE A 6 10.81 -4.46 2.27
CA PHE A 6 11.82 -5.48 2.28
C PHE A 6 13.09 -4.92 2.89
N TYR A 7 13.08 -3.61 3.11
CA TYR A 7 14.18 -2.96 3.81
C TYR A 7 13.77 -1.59 4.30
N LYS A 8 14.10 -1.27 5.54
CA LYS A 8 13.80 0.04 6.07
C LYS A 8 15.12 0.67 6.54
N ALA A 9 15.38 1.90 6.13
CA ALA A 9 16.56 2.67 6.55
C ALA A 9 16.10 3.98 7.16
N GLY A 10 16.05 4.03 8.48
CA GLY A 10 15.61 5.24 9.16
C GLY A 10 14.12 5.36 9.00
N LYS A 11 13.64 6.54 8.60
CA LYS A 11 12.21 6.70 8.35
C LYS A 11 11.86 6.30 6.90
N VAL A 12 12.82 5.74 6.17
CA VAL A 12 12.60 5.42 4.77
C VAL A 12 12.31 3.92 4.53
N SER A 13 11.20 3.60 3.86
CA SER A 13 10.85 2.19 3.64
C SER A 13 10.88 1.86 2.16
N PHE A 14 11.39 0.66 1.85
CA PHE A 14 11.52 0.17 0.47
C PHE A 14 10.59 -1.00 0.21
N TYR A 15 9.71 -0.81 -0.78
CA TYR A 15 8.70 -1.80 -1.10
C TYR A 15 8.84 -2.25 -2.54
N GLN A 16 8.89 -3.55 -2.77
CA GLN A 16 8.83 -4.00 -4.17
C GLN A 16 7.68 -4.95 -4.38
N GLY A 17 6.60 -4.42 -4.93
CA GLY A 17 5.47 -5.25 -5.26
C GLY A 17 4.96 -4.60 -6.50
N ASP A 18 3.75 -4.89 -6.91
CA ASP A 18 3.31 -4.12 -8.04
C ASP A 18 2.43 -2.98 -7.60
N LEU A 19 2.38 -1.99 -8.48
CA LEU A 19 1.96 -0.67 -8.12
C LEU A 19 0.58 -0.59 -7.52
N ASP A 20 -0.38 -1.25 -8.15
CA ASP A 20 -1.76 -1.35 -7.64
C ASP A 20 -1.89 -1.74 -6.19
N VAL A 21 -1.43 -2.95 -5.89
CA VAL A 21 -1.39 -3.46 -4.55
C VAL A 21 -0.75 -2.45 -3.58
N LEU A 22 0.47 -2.02 -3.86
CA LEU A 22 1.16 -1.08 -2.98
C LEU A 22 0.38 0.19 -2.71
N ILE A 23 -0.10 0.83 -3.77
CA ILE A 23 -0.78 2.11 -3.65
C ILE A 23 -2.07 1.95 -2.87
N ASN A 24 -2.67 0.79 -3.07
CA ASN A 24 -3.89 0.43 -2.39
C ASN A 24 -3.66 0.18 -0.91
N PHE A 25 -2.63 -0.59 -0.60
CA PHE A 25 -2.22 -0.83 0.78
C PHE A 25 -1.64 0.39 1.49
N LEU A 26 -0.78 1.17 0.83
CA LEU A 26 -0.10 2.27 1.50
C LEU A 26 -0.97 3.50 1.58
N GLU A 27 -1.94 3.61 0.69
CA GLU A 27 -2.79 4.80 0.67
C GLU A 27 -1.98 6.08 0.76
N PRO A 28 -1.15 6.34 -0.25
CA PRO A 28 -0.36 7.55 -0.32
C PRO A 28 -1.22 8.71 -0.76
N ASP A 29 -0.73 9.92 -0.57
CA ASP A 29 -1.45 11.10 -0.98
C ASP A 29 -0.81 11.68 -2.22
N VAL A 30 0.50 11.51 -2.30
CA VAL A 30 1.26 11.97 -3.44
C VAL A 30 2.00 10.80 -3.98
N LEU A 31 1.91 10.60 -5.27
CA LEU A 31 2.65 9.57 -5.91
C LEU A 31 3.67 10.32 -6.77
N VAL A 32 4.95 9.99 -6.64
CA VAL A 32 5.98 10.70 -7.37
C VAL A 32 6.30 10.01 -8.68
N ASN A 33 6.38 10.80 -9.75
CA ASN A 33 6.66 10.25 -11.07
C ASN A 33 8.08 10.56 -11.49
N ALA A 34 8.82 9.51 -11.86
CA ALA A 34 10.12 9.70 -12.47
C ALA A 34 9.85 10.22 -13.87
N ALA A 35 9.97 11.53 -14.01
CA ALA A 35 9.37 12.24 -15.11
C ALA A 35 10.34 12.64 -16.22
N ASN A 36 9.78 12.78 -17.43
CA ASN A 36 10.46 13.47 -18.51
C ASN A 36 10.57 14.96 -18.23
N GLY A 37 11.07 15.70 -19.21
CA GLY A 37 11.13 17.14 -19.03
C GLY A 37 9.91 17.68 -19.72
N ASP A 38 9.45 16.92 -20.71
CA ASP A 38 8.33 17.31 -21.53
C ASP A 38 7.15 16.37 -21.24
N LEU A 39 7.26 15.65 -20.12
CA LEU A 39 6.17 14.86 -19.59
C LEU A 39 5.62 13.88 -20.59
N ARG A 40 6.50 13.13 -21.23
CA ARG A 40 6.05 12.00 -21.99
C ARG A 40 6.44 10.71 -21.28
N HIS A 41 5.43 9.88 -21.02
CA HIS A 41 5.57 8.80 -20.07
C HIS A 41 5.53 7.51 -20.83
N VAL A 42 6.58 7.25 -21.58
CA VAL A 42 6.42 6.28 -22.62
C VAL A 42 6.85 4.91 -22.19
N GLY A 43 7.61 4.84 -21.09
CA GLY A 43 8.03 3.54 -20.59
C GLY A 43 8.47 3.60 -19.15
N GLY A 44 9.10 2.52 -18.69
CA GLY A 44 9.60 2.46 -17.34
C GLY A 44 8.50 2.79 -16.35
N VAL A 45 8.88 3.44 -15.26
CA VAL A 45 7.96 3.63 -14.16
C VAL A 45 6.85 4.63 -14.50
N ALA A 46 7.19 5.64 -15.29
CA ALA A 46 6.21 6.67 -15.59
C ALA A 46 5.11 6.08 -16.46
N ARG A 47 5.45 5.08 -17.27
CA ARG A 47 4.42 4.43 -18.07
C ARG A 47 3.41 3.79 -17.14
N ALA A 48 3.92 3.00 -16.19
CA ALA A 48 3.09 2.33 -15.18
C ALA A 48 2.17 3.33 -14.51
N ILE A 49 2.75 4.28 -13.79
CA ILE A 49 1.95 5.32 -13.17
C ILE A 49 0.84 5.83 -14.10
N ASP A 50 1.14 6.06 -15.37
CA ASP A 50 0.13 6.63 -16.23
C ASP A 50 -1.02 5.68 -16.40
N VAL A 51 -0.71 4.45 -16.79
CA VAL A 51 -1.73 3.43 -16.90
C VAL A 51 -2.50 3.38 -15.58
N PHE A 52 -1.78 3.40 -14.47
CA PHE A 52 -2.48 3.29 -13.22
C PHE A 52 -3.57 4.34 -13.16
N THR A 53 -3.33 5.51 -13.70
CA THR A 53 -4.34 6.57 -13.66
C THR A 53 -5.22 6.54 -14.88
N GLY A 54 -5.25 5.41 -15.57
CA GLY A 54 -6.05 5.27 -16.79
C GLY A 54 -5.70 6.37 -17.76
N GLY A 55 -4.47 6.85 -17.72
CA GLY A 55 -3.98 7.79 -18.71
C GLY A 55 -4.35 9.22 -18.40
N LYS A 56 -5.05 9.39 -17.29
CA LYS A 56 -5.40 10.71 -16.80
C LYS A 56 -4.14 11.56 -16.60
N LEU A 57 -3.03 10.92 -16.24
CA LEU A 57 -1.76 11.63 -16.06
C LEU A 57 -1.35 12.29 -17.36
N THR A 58 -1.15 11.48 -18.39
CA THR A 58 -0.88 12.04 -19.71
C THR A 58 -1.85 13.19 -20.06
N LYS A 59 -3.15 12.95 -19.92
CA LYS A 59 -4.10 14.00 -20.26
C LYS A 59 -3.74 15.31 -19.61
N ARG A 60 -3.51 15.26 -18.31
CA ARG A 60 -3.19 16.46 -17.61
C ARG A 60 -1.86 17.06 -18.06
N SER A 61 -0.88 16.20 -18.30
CA SER A 61 0.42 16.68 -18.76
C SER A 61 0.36 17.49 -20.04
N LYS A 62 -0.28 16.95 -21.07
CA LYS A 62 -0.45 17.72 -22.29
C LYS A 62 -0.99 19.11 -21.99
N GLU A 63 -2.17 19.18 -21.38
CA GLU A 63 -2.74 20.47 -21.02
C GLU A 63 -1.69 21.31 -20.33
N TYR A 64 -0.98 20.71 -19.40
CA TYR A 64 -0.05 21.48 -18.61
C TYR A 64 0.89 22.22 -19.53
N LEU A 65 1.31 21.50 -20.56
CA LEU A 65 2.35 21.97 -21.46
C LEU A 65 1.83 22.90 -22.56
N LYS A 66 0.81 23.68 -22.28
CA LYS A 66 0.32 24.56 -23.31
C LYS A 66 0.16 25.90 -22.68
N SER A 67 0.59 26.00 -21.44
CA SER A 67 0.56 27.26 -20.72
C SER A 67 1.71 27.25 -19.75
N SER A 68 2.59 26.28 -19.92
CA SER A 68 3.75 26.17 -19.04
C SER A 68 4.99 25.61 -19.76
N LYS A 69 6.15 26.13 -19.35
CA LYS A 69 7.45 25.71 -19.88
C LYS A 69 7.76 24.27 -19.45
N ALA A 70 8.43 23.53 -20.33
CA ALA A 70 8.90 22.19 -19.96
C ALA A 70 9.74 22.24 -18.67
N ILE A 71 10.04 21.07 -18.10
CA ILE A 71 10.61 21.06 -16.77
C ILE A 71 12.10 20.76 -16.72
N ALA A 72 12.82 21.68 -16.08
CA ALA A 72 14.27 21.58 -16.00
C ALA A 72 14.67 20.48 -15.03
N PRO A 73 15.43 19.50 -15.56
CA PRO A 73 15.94 18.52 -14.62
C PRO A 73 16.33 19.29 -13.36
N GLY A 74 16.09 18.73 -12.19
CA GLY A 74 16.39 19.42 -10.95
C GLY A 74 15.14 20.04 -10.33
N ASN A 75 14.00 19.87 -11.01
CA ASN A 75 12.70 20.39 -10.47
C ASN A 75 11.53 19.42 -10.52
N ALA A 76 10.42 19.85 -9.95
CA ALA A 76 9.17 19.08 -9.93
C ALA A 76 7.94 19.96 -9.91
N VAL A 77 6.90 19.57 -10.66
CA VAL A 77 5.62 20.25 -10.55
C VAL A 77 4.58 19.25 -10.07
N LEU A 78 3.69 19.69 -9.19
CA LEU A 78 2.70 18.78 -8.62
C LEU A 78 1.38 18.96 -9.31
N PHE A 79 0.77 17.86 -9.75
CA PHE A 79 -0.58 17.90 -10.29
C PHE A 79 -1.51 17.40 -9.22
N GLU A 80 -2.34 18.29 -8.70
CA GLU A 80 -3.22 17.90 -7.62
C GLU A 80 -4.36 17.03 -8.07
N ASN A 81 -4.62 15.99 -7.29
CA ASN A 81 -5.84 15.23 -7.50
C ASN A 81 -5.98 14.67 -8.90
N VAL A 82 -4.87 14.17 -9.44
CA VAL A 82 -4.85 13.53 -10.75
C VAL A 82 -5.95 12.48 -10.86
N LEU A 83 -6.08 11.66 -9.82
CA LEU A 83 -7.30 10.90 -9.49
C LEU A 83 -7.79 11.50 -8.19
N GLU A 84 -9.00 11.17 -7.73
CA GLU A 84 -9.46 11.74 -6.47
C GLU A 84 -8.47 11.52 -5.32
N HIS A 85 -8.14 12.58 -4.59
CA HIS A 85 -7.30 12.46 -3.41
C HIS A 85 -5.97 11.84 -3.72
N LEU A 86 -5.58 11.80 -4.99
CA LEU A 86 -4.26 11.30 -5.35
C LEU A 86 -3.53 12.29 -6.25
N SER A 87 -2.37 12.77 -5.81
CA SER A 87 -1.66 13.76 -6.61
C SER A 87 -0.40 13.17 -7.13
N VAL A 88 0.05 13.67 -8.27
CA VAL A 88 1.29 13.16 -8.83
C VAL A 88 2.25 14.31 -8.93
N LEU A 89 3.44 14.20 -8.36
CA LEU A 89 4.42 15.16 -8.83
C LEU A 89 5.43 14.56 -9.75
N ASN A 90 5.56 15.25 -10.88
CA ASN A 90 6.53 14.91 -11.87
C ASN A 90 7.79 15.56 -11.45
N ALA A 91 8.75 14.72 -11.09
CA ALA A 91 10.07 15.19 -10.81
C ALA A 91 10.94 14.71 -11.94
N VAL A 92 11.54 15.68 -12.64
CA VAL A 92 12.50 15.41 -13.68
C VAL A 92 13.87 15.32 -13.04
N GLY A 93 14.59 14.22 -13.27
CA GLY A 93 15.96 14.11 -12.78
C GLY A 93 16.92 14.30 -13.94
N PRO A 94 18.22 14.46 -13.63
CA PRO A 94 19.32 14.53 -14.58
C PRO A 94 19.55 13.24 -15.34
N ARG A 95 19.97 13.35 -16.60
CA ARG A 95 20.48 12.22 -17.40
C ARG A 95 21.97 12.05 -17.09
N ASN A 96 22.44 10.81 -17.12
CA ASN A 96 23.83 10.52 -16.81
C ASN A 96 24.81 11.31 -17.68
N GLY A 97 25.63 12.15 -17.03
CA GLY A 97 26.57 13.02 -17.74
C GLY A 97 25.96 14.34 -18.20
N ASP A 98 25.19 14.99 -17.34
CA ASP A 98 24.86 16.41 -17.49
C ASP A 98 25.78 17.07 -16.48
N SER A 99 25.57 18.35 -16.22
CA SER A 99 26.31 19.03 -15.14
C SER A 99 25.61 18.85 -13.79
N ARG A 100 26.36 18.89 -12.70
CA ARG A 100 25.80 18.69 -11.34
C ARG A 100 24.77 17.56 -11.27
N VAL A 101 25.03 16.46 -11.98
CA VAL A 101 24.21 15.26 -11.87
C VAL A 101 23.75 15.14 -10.42
N GLU A 102 24.67 15.40 -9.50
CA GLU A 102 24.38 15.21 -8.11
C GLU A 102 23.49 16.30 -7.48
N GLY A 103 23.78 17.56 -7.75
CA GLY A 103 23.10 18.68 -7.09
C GLY A 103 21.71 18.86 -7.66
N LYS A 104 21.52 18.34 -8.87
CA LYS A 104 20.21 18.33 -9.49
C LYS A 104 19.33 17.32 -8.77
N LEU A 105 19.76 16.06 -8.83
CA LEU A 105 19.13 14.99 -8.06
C LEU A 105 18.74 15.48 -6.68
N CYS A 106 19.69 16.07 -5.97
CA CYS A 106 19.37 16.50 -4.63
C CYS A 106 18.17 17.42 -4.55
N ASN A 107 18.08 18.35 -5.48
CA ASN A 107 16.96 19.26 -5.43
C ASN A 107 15.66 18.53 -5.61
N VAL A 108 15.63 17.67 -6.62
CA VAL A 108 14.50 16.80 -6.82
C VAL A 108 14.06 16.24 -5.47
N TYR A 109 14.89 15.38 -4.87
CA TYR A 109 14.54 14.84 -3.57
C TYR A 109 14.10 15.93 -2.58
N LYS A 110 14.70 17.11 -2.69
CA LYS A 110 14.33 18.23 -1.82
C LYS A 110 12.86 18.61 -2.06
N ALA A 111 12.49 18.67 -3.34
CA ALA A 111 11.12 19.01 -3.74
C ALA A 111 10.19 17.95 -3.19
N ILE A 112 10.50 16.70 -3.54
CA ILE A 112 9.78 15.55 -3.02
C ILE A 112 9.57 15.67 -1.52
N ALA A 113 10.60 16.08 -0.80
CA ALA A 113 10.51 16.21 0.65
C ALA A 113 9.41 17.18 1.11
N LYS A 114 9.28 18.32 0.42
CA LYS A 114 8.36 19.36 0.85
C LYS A 114 6.90 18.98 0.70
N CYS A 115 6.62 18.00 -0.16
CA CYS A 115 5.24 17.57 -0.37
C CYS A 115 4.52 17.22 0.91
N ASP A 116 3.20 17.36 0.92
CA ASP A 116 2.45 17.04 2.14
C ASP A 116 1.77 15.68 2.07
N GLY A 117 1.86 14.92 3.15
CA GLY A 117 1.09 13.70 3.23
C GLY A 117 1.97 12.49 3.05
N LYS A 118 1.35 11.34 2.82
CA LYS A 118 2.14 10.16 2.64
C LYS A 118 2.65 10.10 1.20
N ILE A 119 3.92 9.73 1.04
CA ILE A 119 4.51 9.66 -0.28
C ILE A 119 4.96 8.27 -0.74
N LEU A 120 4.74 8.02 -2.01
CA LEU A 120 5.34 6.87 -2.64
C LEU A 120 6.04 7.37 -3.91
N THR A 121 7.33 7.07 -4.02
CA THR A 121 8.19 7.55 -5.11
C THR A 121 9.16 6.49 -5.58
N PRO A 122 9.36 6.42 -6.90
CA PRO A 122 10.32 5.52 -7.49
C PRO A 122 11.67 6.15 -7.23
N LEU A 123 12.74 5.38 -7.43
CA LEU A 123 14.06 5.96 -7.28
C LEU A 123 14.33 6.85 -8.48
N ILE A 124 14.77 8.07 -8.25
CA ILE A 124 14.73 9.08 -9.32
C ILE A 124 15.87 9.09 -10.39
N SER A 125 15.51 9.49 -11.61
CA SER A 125 16.41 9.36 -12.79
C SER A 125 17.40 8.19 -12.81
N VAL A 126 16.87 6.99 -12.59
CA VAL A 126 17.66 5.77 -12.51
C VAL A 126 17.29 4.72 -13.56
N GLY A 127 16.56 5.10 -14.59
CA GLY A 127 16.11 4.09 -15.54
C GLY A 127 16.78 4.32 -16.86
N ILE A 128 16.00 4.84 -17.81
CA ILE A 128 16.48 5.17 -19.15
C ILE A 128 17.38 6.41 -19.11
N PHE A 129 17.29 7.18 -18.03
CA PHE A 129 18.23 8.28 -17.80
C PHE A 129 19.63 7.79 -17.41
N LYS A 130 19.76 6.55 -16.97
CA LYS A 130 21.07 5.91 -16.83
C LYS A 130 21.97 6.44 -15.71
N VAL A 131 21.44 7.17 -14.74
CA VAL A 131 22.27 7.53 -13.59
C VAL A 131 22.41 6.33 -12.70
N LYS A 132 23.60 6.06 -12.21
CA LYS A 132 23.74 4.88 -11.38
C LYS A 132 23.01 5.00 -10.03
N LEU A 133 22.45 3.88 -9.59
CA LEU A 133 21.56 3.84 -8.44
C LEU A 133 22.22 4.33 -7.15
N GLU A 134 23.42 3.85 -6.90
CA GLU A 134 24.20 4.26 -5.73
C GLU A 134 24.08 5.76 -5.51
N VAL A 135 24.06 6.52 -6.60
CA VAL A 135 24.13 7.97 -6.50
C VAL A 135 22.80 8.53 -6.07
N SER A 136 21.75 8.05 -6.74
CA SER A 136 20.40 8.56 -6.52
C SER A 136 19.98 8.20 -5.11
N LEU A 137 20.24 6.96 -4.76
CA LEU A 137 19.87 6.49 -3.46
C LEU A 137 20.60 7.39 -2.45
N GLN A 138 21.88 7.58 -2.72
CA GLN A 138 22.76 8.32 -1.83
C GLN A 138 22.27 9.76 -1.65
N CYS A 139 21.96 10.40 -2.77
CA CYS A 139 21.29 11.70 -2.77
C CYS A 139 20.04 11.71 -1.90
N LEU A 140 19.13 10.78 -2.19
CA LEU A 140 17.84 10.71 -1.51
C LEU A 140 18.05 10.50 -0.03
N LEU A 141 18.75 9.42 0.26
CA LEU A 141 19.13 9.06 1.61
C LEU A 141 19.72 10.25 2.37
N LYS A 142 20.54 11.03 1.67
CA LYS A 142 21.23 12.16 2.27
C LYS A 142 20.33 13.40 2.41
N THR A 143 19.48 13.63 1.39
CA THR A 143 18.64 14.83 1.32
C THR A 143 17.39 14.82 2.21
N VAL A 144 16.73 13.67 2.31
CA VAL A 144 15.43 13.63 2.96
C VAL A 144 15.56 12.89 4.27
N THR A 145 16.10 13.62 5.23
CA THR A 145 16.65 12.97 6.40
C THR A 145 15.66 12.87 7.52
N ASP A 146 14.56 13.59 7.43
CA ASP A 146 13.64 13.47 8.53
C ASP A 146 12.18 13.54 8.10
N ARG A 147 11.66 12.42 7.61
CA ARG A 147 10.41 12.42 6.87
C ARG A 147 10.13 10.97 6.53
N ASP A 148 8.90 10.54 6.67
CA ASP A 148 8.55 9.20 6.23
C ASP A 148 8.51 9.20 4.70
N LEU A 149 9.11 8.22 4.08
CA LEU A 149 9.07 8.17 2.64
C LEU A 149 9.03 6.73 2.20
N ASN A 150 8.28 6.46 1.13
CA ASN A 150 8.20 5.11 0.63
C ASN A 150 8.75 5.04 -0.77
N VAL A 151 9.87 4.35 -0.91
CA VAL A 151 10.43 4.19 -2.22
C VAL A 151 9.75 3.00 -2.91
N PHE A 152 9.24 3.22 -4.11
CA PHE A 152 8.73 2.14 -4.92
C PHE A 152 9.93 1.57 -5.63
N VAL A 153 10.15 0.28 -5.48
CA VAL A 153 11.27 -0.33 -6.15
C VAL A 153 10.69 -1.09 -7.31
N TYR A 154 11.18 -0.81 -8.50
CA TYR A 154 10.48 -1.24 -9.70
C TYR A 154 10.91 -2.55 -10.34
N THR A 155 12.10 -3.03 -10.06
CA THR A 155 12.52 -4.25 -10.73
C THR A 155 13.44 -5.06 -9.85
N ASP A 156 13.61 -6.30 -10.24
CA ASP A 156 14.46 -7.20 -9.49
C ASP A 156 15.88 -6.65 -9.35
N GLN A 157 16.40 -6.04 -10.42
CA GLN A 157 17.72 -5.43 -10.36
C GLN A 157 17.75 -4.30 -9.36
N GLU A 158 16.84 -3.34 -9.50
CA GLU A 158 16.78 -2.24 -8.55
C GLU A 158 16.88 -2.82 -7.14
N ARG A 159 16.32 -4.01 -6.97
CA ARG A 159 16.25 -4.60 -5.65
C ARG A 159 17.63 -5.06 -5.22
N VAL A 160 18.26 -5.86 -6.06
CA VAL A 160 19.57 -6.40 -5.69
C VAL A 160 20.54 -5.25 -5.42
N THR A 161 20.55 -4.27 -6.31
CA THR A 161 21.49 -3.18 -6.22
C THR A 161 21.28 -2.46 -4.90
N ILE A 162 20.03 -2.28 -4.53
CA ILE A 162 19.72 -1.67 -3.24
C ILE A 162 20.19 -2.54 -2.08
N GLU A 163 20.14 -3.85 -2.27
CA GLU A 163 20.64 -4.74 -1.24
C GLU A 163 22.11 -4.45 -1.03
N ASN A 164 22.92 -4.62 -2.08
CA ASN A 164 24.34 -4.28 -1.99
C ASN A 164 24.52 -2.95 -1.29
N PHE A 165 23.91 -1.92 -1.83
CA PHE A 165 24.16 -0.60 -1.30
C PHE A 165 23.99 -0.50 0.22
N PHE A 166 23.52 -1.55 0.87
CA PHE A 166 23.38 -1.52 2.33
C PHE A 166 24.21 -2.64 2.95
N ASN A 167 25.50 -2.65 2.68
CA ASN A 167 26.33 -3.78 3.10
C ASN A 167 26.94 -3.80 4.53
N GLY A 168 26.73 -2.71 5.29
CA GLY A 168 26.88 -2.68 6.78
C GLY A 168 28.25 -3.00 7.40
N ILE B 3 31.94 -38.34 -3.64
CA ILE B 3 30.80 -37.38 -3.40
C ILE B 3 30.07 -37.56 -2.04
N LEU B 4 30.52 -36.86 -1.01
CA LEU B 4 30.00 -37.08 0.36
C LEU B 4 30.25 -35.92 1.34
N PRO B 5 29.53 -35.92 2.47
CA PRO B 5 29.51 -34.70 3.27
C PRO B 5 30.91 -34.43 3.78
N PHE B 6 31.19 -33.17 4.02
CA PHE B 6 32.48 -32.83 4.58
C PHE B 6 32.40 -32.91 6.10
N TYR B 7 31.24 -33.24 6.63
CA TYR B 7 31.15 -33.26 8.08
C TYR B 7 29.76 -33.68 8.53
N LYS B 8 29.68 -34.40 9.65
CA LYS B 8 28.44 -35.01 10.02
C LYS B 8 28.22 -34.94 11.53
N ALA B 9 27.39 -33.99 11.97
CA ALA B 9 27.11 -33.79 13.41
C ALA B 9 25.85 -34.52 13.89
N GLY B 10 26.06 -35.72 14.44
CA GLY B 10 24.95 -36.60 14.78
C GLY B 10 24.20 -36.93 13.51
N LYS B 11 22.91 -36.59 13.48
CA LYS B 11 22.07 -36.87 12.33
C LYS B 11 22.25 -35.91 11.14
N VAL B 12 22.81 -34.73 11.43
CA VAL B 12 22.85 -33.65 10.46
C VAL B 12 24.08 -33.66 9.55
N SER B 13 23.95 -34.09 8.30
CA SER B 13 25.12 -34.08 7.40
C SER B 13 25.37 -32.76 6.65
N PHE B 14 26.58 -32.23 6.72
CA PHE B 14 26.88 -31.01 5.96
C PHE B 14 27.56 -31.27 4.64
N TYR B 15 27.01 -30.70 3.57
CA TYR B 15 27.63 -30.83 2.24
C TYR B 15 28.06 -29.51 1.65
N GLN B 16 29.10 -29.56 0.84
CA GLN B 16 29.44 -28.44 0.01
C GLN B 16 29.46 -28.91 -1.42
N GLY B 17 29.41 -27.98 -2.35
CA GLY B 17 29.14 -28.32 -3.73
C GLY B 17 27.93 -27.51 -4.12
N ASP B 18 27.66 -27.37 -5.41
CA ASP B 18 26.50 -26.58 -5.76
C ASP B 18 25.20 -27.36 -6.04
N LEU B 19 24.11 -26.61 -5.83
CA LEU B 19 22.76 -27.14 -5.66
C LEU B 19 22.29 -28.20 -6.63
N ASP B 20 22.23 -27.88 -7.92
CA ASP B 20 21.68 -28.86 -8.87
C ASP B 20 22.24 -30.28 -8.65
N VAL B 21 23.57 -30.37 -8.54
CA VAL B 21 24.23 -31.66 -8.40
C VAL B 21 23.86 -32.33 -7.07
N LEU B 22 24.05 -31.57 -6.00
CA LEU B 22 23.67 -32.06 -4.69
C LEU B 22 22.29 -32.68 -4.68
N ILE B 23 21.29 -31.93 -5.14
CA ILE B 23 19.91 -32.42 -5.20
C ILE B 23 19.88 -33.72 -5.96
N ASN B 24 20.36 -33.64 -7.19
CA ASN B 24 20.41 -34.76 -8.10
C ASN B 24 20.98 -36.07 -7.52
N PHE B 25 21.87 -35.94 -6.55
CA PHE B 25 22.51 -37.10 -5.93
C PHE B 25 21.81 -37.48 -4.61
N LEU B 26 21.56 -36.49 -3.78
CA LEU B 26 20.92 -36.73 -2.47
C LEU B 26 19.46 -37.10 -2.60
N GLU B 27 18.83 -36.62 -3.68
CA GLU B 27 17.43 -36.90 -3.97
C GLU B 27 16.54 -36.62 -2.77
N PRO B 28 16.26 -35.33 -2.51
CA PRO B 28 15.39 -34.98 -1.38
C PRO B 28 13.91 -34.84 -1.77
N ASP B 29 13.06 -34.81 -0.77
CA ASP B 29 11.62 -34.70 -1.03
C ASP B 29 11.24 -33.24 -0.95
N VAL B 30 11.88 -32.58 0.01
CA VAL B 30 11.66 -31.20 0.27
C VAL B 30 13.00 -30.56 0.18
N LEU B 31 13.09 -29.47 -0.56
CA LEU B 31 14.21 -28.61 -0.31
C LEU B 31 13.78 -27.26 0.23
N VAL B 32 14.47 -26.85 1.29
CA VAL B 32 14.11 -25.68 2.02
C VAL B 32 14.71 -24.53 1.27
N ASN B 33 13.98 -23.43 1.19
CA ASN B 33 14.49 -22.26 0.50
C ASN B 33 14.59 -21.12 1.49
N ALA B 34 15.76 -20.50 1.52
CA ALA B 34 16.03 -19.34 2.36
C ALA B 34 15.47 -18.19 1.60
N ALA B 35 14.21 -17.88 1.88
CA ALA B 35 13.46 -16.92 1.09
C ALA B 35 13.38 -15.61 1.84
N ASN B 36 12.84 -14.61 1.16
CA ASN B 36 12.52 -13.34 1.78
C ASN B 36 11.00 -13.14 1.77
N GLY B 37 10.53 -12.22 2.62
CA GLY B 37 9.11 -11.85 2.72
C GLY B 37 8.42 -11.64 1.38
N ASP B 38 8.90 -10.66 0.58
CA ASP B 38 8.32 -10.41 -0.74
C ASP B 38 8.35 -11.64 -1.63
N LEU B 39 9.11 -12.66 -1.22
CA LEU B 39 9.17 -13.93 -1.93
C LEU B 39 9.77 -13.81 -3.32
N ARG B 40 10.41 -12.66 -3.58
CA ARG B 40 11.17 -12.47 -4.81
C ARG B 40 12.49 -13.24 -4.70
N HIS B 41 12.64 -14.29 -5.50
CA HIS B 41 13.83 -15.14 -5.44
C HIS B 41 14.97 -14.63 -6.28
N VAL B 42 15.62 -13.62 -5.76
CA VAL B 42 16.50 -12.77 -6.52
C VAL B 42 17.97 -13.19 -6.57
N GLY B 43 18.45 -13.81 -5.50
CA GLY B 43 19.86 -14.16 -5.42
C GLY B 43 20.12 -15.38 -4.57
N GLY B 44 21.40 -15.73 -4.47
CA GLY B 44 21.86 -16.84 -3.65
C GLY B 44 21.11 -18.12 -3.87
N VAL B 45 20.91 -18.84 -2.78
CA VAL B 45 20.26 -20.14 -2.82
C VAL B 45 18.89 -20.03 -3.48
N ALA B 46 18.12 -19.01 -3.10
CA ALA B 46 16.77 -18.86 -3.64
C ALA B 46 16.82 -18.85 -5.16
N ARG B 47 17.59 -17.91 -5.70
CA ARG B 47 17.81 -17.79 -7.13
C ARG B 47 18.15 -19.18 -7.71
N ALA B 48 19.13 -19.86 -7.11
CA ALA B 48 19.49 -21.19 -7.56
C ALA B 48 18.29 -22.10 -7.66
N ILE B 49 17.55 -22.21 -6.55
CA ILE B 49 16.39 -23.08 -6.50
C ILE B 49 15.44 -22.69 -7.62
N ASP B 50 15.10 -21.41 -7.70
CA ASP B 50 14.21 -20.96 -8.75
C ASP B 50 14.68 -21.46 -10.12
N VAL B 51 15.96 -21.26 -10.41
CA VAL B 51 16.50 -21.70 -11.70
C VAL B 51 16.32 -23.20 -11.89
N PHE B 52 16.59 -23.95 -10.83
CA PHE B 52 16.53 -25.38 -10.92
C PHE B 52 15.14 -25.81 -11.37
N THR B 53 14.13 -25.18 -10.78
CA THR B 53 12.73 -25.47 -11.07
C THR B 53 12.31 -24.85 -12.39
N GLY B 54 13.19 -24.07 -12.98
CA GLY B 54 12.93 -23.53 -14.31
C GLY B 54 11.86 -22.46 -14.30
N GLY B 55 11.88 -21.63 -13.26
CA GLY B 55 10.95 -20.51 -13.17
C GLY B 55 9.74 -20.86 -12.35
N LYS B 56 9.44 -22.15 -12.24
CA LYS B 56 8.24 -22.58 -11.52
C LYS B 56 8.19 -22.05 -10.08
N LEU B 57 9.25 -22.24 -9.30
CA LEU B 57 9.24 -21.65 -7.98
C LEU B 57 8.63 -20.23 -8.02
N THR B 58 9.20 -19.34 -8.83
CA THR B 58 8.66 -18.00 -8.85
C THR B 58 7.18 -17.95 -9.23
N LYS B 59 6.83 -18.56 -10.35
CA LYS B 59 5.45 -18.57 -10.82
C LYS B 59 4.48 -18.98 -9.69
N ARG B 60 4.87 -19.96 -8.90
CA ARG B 60 4.04 -20.38 -7.79
C ARG B 60 4.01 -19.33 -6.69
N SER B 61 5.16 -18.75 -6.39
CA SER B 61 5.21 -17.72 -5.35
C SER B 61 4.31 -16.55 -5.72
N LYS B 62 4.39 -16.07 -6.94
CA LYS B 62 3.56 -14.95 -7.33
C LYS B 62 2.08 -15.24 -7.14
N GLU B 63 1.64 -16.46 -7.48
CA GLU B 63 0.23 -16.77 -7.21
C GLU B 63 -0.09 -16.90 -5.72
N TYR B 64 0.80 -17.50 -4.94
CA TYR B 64 0.58 -17.56 -3.51
C TYR B 64 0.18 -16.19 -2.98
N LEU B 65 0.99 -15.17 -3.29
CA LEU B 65 0.82 -13.85 -2.68
C LEU B 65 -0.45 -13.15 -3.13
N LYS B 66 -1.00 -13.61 -4.26
CA LYS B 66 -2.22 -13.04 -4.78
C LYS B 66 -3.44 -13.35 -3.89
N SER B 67 -3.35 -14.39 -3.08
CA SER B 67 -4.50 -14.87 -2.33
C SER B 67 -4.22 -15.37 -0.92
N SER B 68 -2.98 -15.24 -0.46
CA SER B 68 -2.61 -15.77 0.84
C SER B 68 -1.88 -14.75 1.72
N LYS B 69 -1.87 -15.02 3.02
CA LYS B 69 -1.19 -14.15 3.99
C LYS B 69 0.30 -14.13 3.72
N ALA B 70 0.89 -12.94 3.82
CA ALA B 70 2.34 -12.76 3.65
C ALA B 70 3.10 -13.55 4.70
N ILE B 71 4.34 -13.92 4.39
CA ILE B 71 5.13 -14.73 5.31
C ILE B 71 6.10 -13.90 6.13
N ALA B 72 5.79 -13.70 7.40
CA ALA B 72 6.57 -12.83 8.24
C ALA B 72 7.79 -13.58 8.77
N PRO B 73 8.93 -12.88 8.87
CA PRO B 73 10.14 -13.51 9.38
C PRO B 73 9.79 -14.48 10.50
N GLY B 74 10.28 -15.70 10.41
CA GLY B 74 10.04 -16.67 11.46
C GLY B 74 8.96 -17.67 11.08
N ASN B 75 8.50 -17.60 9.83
CA ASN B 75 7.54 -18.57 9.32
C ASN B 75 8.01 -19.23 8.03
N ALA B 76 7.46 -20.38 7.71
CA ALA B 76 7.75 -20.99 6.43
C ALA B 76 6.42 -21.34 5.79
N VAL B 77 6.43 -21.64 4.49
CA VAL B 77 5.23 -22.11 3.84
C VAL B 77 5.59 -23.12 2.78
N LEU B 78 5.05 -24.31 2.91
CA LEU B 78 5.44 -25.40 2.04
C LEU B 78 4.66 -25.33 0.75
N PHE B 79 5.36 -25.30 -0.39
CA PHE B 79 4.71 -25.52 -1.67
C PHE B 79 4.95 -26.96 -2.03
N GLU B 80 3.90 -27.67 -2.42
CA GLU B 80 4.06 -29.08 -2.80
C GLU B 80 4.27 -29.26 -4.29
N ASN B 81 5.01 -30.30 -4.67
CA ASN B 81 5.34 -30.55 -6.07
C ASN B 81 5.55 -29.33 -6.95
N VAL B 82 6.45 -28.45 -6.54
CA VAL B 82 6.84 -27.37 -7.40
C VAL B 82 7.36 -28.03 -8.66
N LEU B 83 8.11 -29.11 -8.48
CA LEU B 83 8.44 -30.00 -9.58
C LEU B 83 7.93 -31.36 -9.21
N GLU B 84 7.82 -32.24 -10.19
CA GLU B 84 7.21 -33.52 -9.89
C GLU B 84 7.91 -34.21 -8.72
N HIS B 85 7.18 -34.44 -7.64
CA HIS B 85 7.70 -35.09 -6.44
C HIS B 85 8.78 -34.35 -5.69
N LEU B 86 8.92 -33.06 -5.95
CA LEU B 86 9.90 -32.27 -5.23
C LEU B 86 9.21 -31.04 -4.62
N SER B 87 9.23 -30.92 -3.30
CA SER B 87 8.64 -29.72 -2.65
C SER B 87 9.65 -28.66 -2.24
N VAL B 88 9.18 -27.43 -2.15
CA VAL B 88 10.02 -26.33 -1.74
C VAL B 88 9.40 -25.69 -0.53
N LEU B 89 10.14 -25.62 0.57
CA LEU B 89 9.59 -24.98 1.73
C LEU B 89 10.16 -23.58 1.81
N ASN B 90 9.34 -22.58 1.51
CA ASN B 90 9.84 -21.22 1.55
C ASN B 90 9.96 -20.76 2.98
N ALA B 91 11.19 -20.71 3.48
CA ALA B 91 11.40 -20.32 4.86
C ALA B 91 11.96 -18.93 4.94
N VAL B 92 11.33 -18.08 5.75
CA VAL B 92 11.83 -16.72 5.89
C VAL B 92 12.49 -16.42 7.24
N GLY B 93 13.81 -16.35 7.22
CA GLY B 93 14.56 -15.99 8.42
C GLY B 93 14.50 -14.51 8.71
N PRO B 94 14.95 -14.12 9.92
CA PRO B 94 15.06 -12.71 10.25
C PRO B 94 16.26 -12.09 9.57
N ARG B 95 16.26 -10.78 9.47
CA ARG B 95 17.37 -10.06 8.93
C ARG B 95 18.15 -9.55 10.14
N ASN B 96 19.48 -9.57 10.06
CA ASN B 96 20.28 -9.19 11.22
C ASN B 96 19.90 -7.79 11.67
N GLY B 97 19.74 -7.60 12.97
CA GLY B 97 19.39 -6.29 13.49
C GLY B 97 17.90 -6.05 13.49
N ASP B 98 17.13 -7.13 13.43
CA ASP B 98 15.70 -7.04 13.71
C ASP B 98 15.57 -7.33 15.20
N SER B 99 14.34 -7.45 15.67
CA SER B 99 14.11 -7.89 17.03
C SER B 99 14.04 -9.43 17.10
N ARG B 100 14.16 -10.00 18.29
CA ARG B 100 14.01 -11.45 18.48
C ARG B 100 14.66 -12.29 17.37
N VAL B 101 15.88 -11.92 16.98
CA VAL B 101 16.59 -12.61 15.92
C VAL B 101 16.68 -14.12 16.15
N GLU B 102 17.06 -14.49 17.35
CA GLU B 102 17.30 -15.87 17.70
C GLU B 102 16.03 -16.71 17.72
N GLY B 103 15.00 -16.22 18.43
CA GLY B 103 13.74 -16.95 18.54
C GLY B 103 13.17 -17.25 17.18
N LYS B 104 13.15 -16.22 16.32
CA LYS B 104 12.67 -16.33 14.94
C LYS B 104 13.37 -17.46 14.21
N LEU B 105 14.69 -17.36 14.08
CA LEU B 105 15.44 -18.45 13.47
C LEU B 105 14.98 -19.80 13.97
N CYS B 106 14.83 -19.93 15.28
CA CYS B 106 14.49 -21.23 15.83
C CYS B 106 13.21 -21.76 15.25
N ASN B 107 12.21 -20.89 15.23
CA ASN B 107 10.94 -21.22 14.62
C ASN B 107 11.11 -21.73 13.22
N VAL B 108 11.89 -21.01 12.44
CA VAL B 108 12.11 -21.43 11.09
C VAL B 108 12.67 -22.84 11.13
N TYR B 109 13.61 -23.09 12.03
CA TYR B 109 14.19 -24.43 12.05
C TYR B 109 13.15 -25.40 12.54
N LYS B 110 12.36 -24.93 13.50
CA LYS B 110 11.24 -25.71 13.99
C LYS B 110 10.37 -26.20 12.82
N ALA B 111 10.03 -25.28 11.93
CA ALA B 111 9.20 -25.61 10.78
C ALA B 111 9.92 -26.56 9.85
N ILE B 112 11.20 -26.34 9.66
CA ILE B 112 11.95 -27.19 8.76
C ILE B 112 11.93 -28.62 9.24
N ALA B 113 11.92 -28.78 10.57
CA ALA B 113 11.92 -30.09 11.18
C ALA B 113 10.67 -30.86 10.81
N LYS B 114 9.52 -30.21 10.96
CA LYS B 114 8.22 -30.85 10.74
C LYS B 114 8.00 -31.40 9.33
N CYS B 115 8.69 -30.85 8.34
CA CYS B 115 8.49 -31.34 6.97
C CYS B 115 8.67 -32.83 6.81
N ASP B 116 8.21 -33.35 5.68
CA ASP B 116 8.14 -34.79 5.48
C ASP B 116 9.20 -35.39 4.57
N GLY B 117 9.96 -36.34 5.12
CA GLY B 117 10.93 -37.10 4.32
C GLY B 117 12.30 -36.44 4.22
N LYS B 118 12.99 -36.74 3.12
CA LYS B 118 14.36 -36.27 2.94
C LYS B 118 14.41 -34.76 2.71
N ILE B 119 15.07 -34.06 3.63
CA ILE B 119 15.19 -32.62 3.57
C ILE B 119 16.55 -32.19 3.04
N LEU B 120 16.62 -31.02 2.42
CA LEU B 120 17.88 -30.45 1.97
C LEU B 120 17.81 -28.96 2.16
N THR B 121 18.58 -28.41 3.08
CA THR B 121 18.43 -26.99 3.41
C THR B 121 19.75 -26.28 3.49
N PRO B 122 19.75 -24.98 3.17
CA PRO B 122 20.91 -24.20 3.51
C PRO B 122 20.77 -23.83 4.97
N LEU B 123 21.74 -23.11 5.52
CA LEU B 123 21.54 -22.45 6.79
C LEU B 123 20.75 -21.20 6.49
N ILE B 124 20.02 -20.69 7.47
CA ILE B 124 19.06 -19.64 7.17
C ILE B 124 19.46 -18.28 7.70
N SER B 125 19.18 -17.24 6.92
CA SER B 125 19.52 -15.88 7.33
C SER B 125 21.02 -15.64 7.22
N VAL B 126 21.74 -16.60 6.65
CA VAL B 126 23.19 -16.54 6.58
C VAL B 126 23.84 -15.68 5.47
N GLY B 127 23.19 -15.57 4.30
CA GLY B 127 23.63 -14.69 3.21
C GLY B 127 23.21 -13.23 3.37
N ILE B 128 22.40 -12.71 2.45
CA ILE B 128 22.05 -11.28 2.50
C ILE B 128 21.60 -10.73 3.86
N PHE B 129 20.79 -11.49 4.58
CA PHE B 129 20.28 -11.02 5.90
C PHE B 129 21.41 -10.88 6.93
N LYS B 130 22.56 -11.50 6.66
CA LYS B 130 23.80 -11.20 7.39
C LYS B 130 23.71 -11.53 8.88
N VAL B 131 23.61 -12.79 9.20
CA VAL B 131 23.59 -13.15 10.59
C VAL B 131 24.77 -14.06 10.86
N LYS B 132 25.51 -13.77 11.93
CA LYS B 132 26.62 -14.60 12.33
C LYS B 132 26.27 -16.07 12.00
N LEU B 133 27.03 -16.66 11.10
CA LEU B 133 26.82 -18.06 10.74
C LEU B 133 26.66 -18.97 11.97
N GLU B 134 27.46 -18.73 13.02
CA GLU B 134 27.37 -19.49 14.28
C GLU B 134 25.96 -19.46 14.89
N VAL B 135 25.36 -18.29 15.01
CA VAL B 135 24.02 -18.14 15.58
C VAL B 135 22.99 -19.05 14.89
N SER B 136 22.98 -18.97 13.56
CA SER B 136 22.05 -19.72 12.73
C SER B 136 22.30 -21.22 12.89
N LEU B 137 23.57 -21.57 13.01
CA LEU B 137 23.98 -22.95 13.21
C LEU B 137 23.61 -23.46 14.61
N GLN B 138 23.74 -22.57 15.60
CA GLN B 138 23.28 -22.83 16.97
C GLN B 138 21.85 -23.29 16.89
N CYS B 139 20.96 -22.39 16.48
CA CYS B 139 19.55 -22.73 16.33
C CYS B 139 19.37 -24.03 15.61
N LEU B 140 19.72 -24.05 14.34
CA LEU B 140 19.51 -25.26 13.60
C LEU B 140 19.83 -26.41 14.53
N LEU B 141 21.01 -26.39 15.11
CA LEU B 141 21.46 -27.52 15.96
C LEU B 141 20.60 -27.78 17.18
N LYS B 142 20.39 -26.74 17.99
CA LYS B 142 19.52 -26.84 19.15
C LYS B 142 18.16 -27.47 18.81
N THR B 143 17.60 -27.05 17.67
CA THR B 143 16.19 -27.28 17.31
C THR B 143 15.89 -28.57 16.54
N VAL B 144 16.58 -28.80 15.44
CA VAL B 144 16.39 -30.03 14.67
C VAL B 144 17.06 -31.20 15.39
N THR B 145 16.75 -31.33 16.68
CA THR B 145 17.45 -32.23 17.59
C THR B 145 17.51 -33.66 17.10
N ASP B 146 16.41 -34.18 16.60
CA ASP B 146 16.43 -35.59 16.26
C ASP B 146 15.80 -35.97 14.93
N ARG B 147 16.59 -35.92 13.85
CA ARG B 147 16.01 -35.87 12.52
C ARG B 147 17.11 -35.90 11.46
N ASP B 148 17.00 -36.79 10.50
CA ASP B 148 17.93 -36.77 9.35
C ASP B 148 17.81 -35.45 8.62
N LEU B 149 18.91 -34.78 8.43
CA LEU B 149 18.85 -33.48 7.80
C LEU B 149 20.13 -33.22 7.05
N ASN B 150 20.00 -32.71 5.83
CA ASN B 150 21.15 -32.34 5.05
C ASN B 150 21.29 -30.83 4.92
N VAL B 151 22.26 -30.24 5.59
CA VAL B 151 22.54 -28.84 5.36
C VAL B 151 23.46 -28.70 4.19
N PHE B 152 23.40 -27.58 3.51
CA PHE B 152 24.24 -27.40 2.35
C PHE B 152 24.80 -26.00 2.23
N VAL B 153 26.07 -25.92 1.81
CA VAL B 153 26.80 -24.65 1.72
C VAL B 153 27.56 -24.50 0.41
N TYR B 154 27.67 -23.27 -0.08
CA TYR B 154 28.37 -23.09 -1.35
CA TYR B 154 28.31 -22.94 -1.36
C TYR B 154 29.82 -22.69 -1.19
N THR B 155 30.10 -21.73 -0.30
CA THR B 155 31.44 -21.16 -0.11
C THR B 155 32.45 -21.95 0.70
N ASP B 156 33.65 -22.10 0.17
CA ASP B 156 34.77 -22.51 1.00
C ASP B 156 34.70 -21.80 2.34
N GLN B 157 34.44 -20.50 2.31
CA GLN B 157 34.47 -19.67 3.51
C GLN B 157 33.49 -20.17 4.58
N GLU B 158 32.24 -20.40 4.18
CA GLU B 158 31.23 -20.94 5.09
C GLU B 158 31.61 -22.33 5.59
N ARG B 159 32.18 -23.15 4.72
CA ARG B 159 32.63 -24.46 5.12
C ARG B 159 33.57 -24.33 6.30
N VAL B 160 34.70 -23.67 6.09
CA VAL B 160 35.67 -23.50 7.15
C VAL B 160 34.98 -23.03 8.42
N THR B 161 34.32 -21.89 8.37
CA THR B 161 33.64 -21.36 9.55
C THR B 161 32.89 -22.45 10.29
N ILE B 162 32.28 -23.38 9.54
CA ILE B 162 31.51 -24.45 10.15
C ILE B 162 32.43 -25.46 10.82
N GLU B 163 33.38 -25.97 10.05
CA GLU B 163 34.35 -26.93 10.56
C GLU B 163 35.01 -26.45 11.85
N ASN B 164 35.34 -25.16 11.90
CA ASN B 164 35.91 -24.58 13.11
C ASN B 164 34.95 -24.71 14.26
N PHE B 165 33.76 -24.14 14.09
CA PHE B 165 32.73 -24.19 15.12
C PHE B 165 32.72 -25.54 15.83
N PHE B 166 32.82 -26.61 15.04
CA PHE B 166 32.82 -27.96 15.59
C PHE B 166 34.17 -28.32 16.20
N ASN B 167 34.61 -27.50 17.16
CA ASN B 167 35.89 -27.72 17.83
C ASN B 167 35.97 -27.01 19.17
N GLY B 168 35.75 -27.77 20.24
CA GLY B 168 35.79 -27.21 21.59
C GLY B 168 35.39 -25.75 21.62
N ASP C 1 -37.71 36.07 0.80
CA ASP C 1 -37.30 34.76 0.16
C ASP C 1 -38.42 34.15 -0.69
N LEU C 2 -38.07 33.54 -1.82
CA LEU C 2 -39.13 33.06 -2.68
C LEU C 2 -39.47 31.61 -2.41
N ILE C 3 -38.51 30.84 -1.91
CA ILE C 3 -38.81 29.50 -1.45
C ILE C 3 -38.63 29.53 0.05
N LEU C 4 -39.66 29.12 0.77
CA LEU C 4 -39.57 29.05 2.21
C LEU C 4 -39.48 27.62 2.66
N PRO C 5 -38.64 27.36 3.67
CA PRO C 5 -38.60 26.04 4.28
C PRO C 5 -39.91 25.76 4.96
N PHE C 6 -40.34 24.51 4.94
CA PHE C 6 -41.62 24.17 5.52
C PHE C 6 -41.45 24.08 7.00
N TYR C 7 -40.20 24.07 7.44
CA TYR C 7 -39.93 24.17 8.87
C TYR C 7 -38.55 24.71 9.13
N LYS C 8 -38.43 25.56 10.12
CA LYS C 8 -37.15 26.10 10.50
C LYS C 8 -37.00 25.92 12.01
N ALA C 9 -35.93 25.27 12.45
CA ALA C 9 -35.67 25.13 13.87
C ALA C 9 -34.34 25.78 14.23
N GLY C 10 -34.39 27.06 14.59
CA GLY C 10 -33.17 27.77 14.87
C GLY C 10 -32.47 28.08 13.57
N LYS C 11 -31.20 27.71 13.46
CA LYS C 11 -30.46 27.98 12.23
C LYS C 11 -30.58 26.81 11.25
N VAL C 12 -31.39 25.82 11.59
CA VAL C 12 -31.53 24.68 10.71
C VAL C 12 -32.82 24.82 9.93
N SER C 13 -32.71 25.05 8.62
CA SER C 13 -33.91 25.11 7.78
C SER C 13 -34.18 23.79 7.06
N PHE C 14 -35.45 23.40 6.99
CA PHE C 14 -35.86 22.19 6.29
C PHE C 14 -36.61 22.46 5.00
N TYR C 15 -36.24 21.74 3.94
CA TYR C 15 -36.82 21.93 2.61
C TYR C 15 -37.23 20.63 1.92
N GLN C 16 -38.44 20.60 1.38
CA GLN C 16 -38.88 19.48 0.56
C GLN C 16 -39.44 19.94 -0.77
N GLY C 17 -38.53 20.26 -1.67
CA GLY C 17 -38.86 20.26 -3.07
C GLY C 17 -37.91 19.24 -3.64
N ASP C 18 -37.58 19.36 -4.92
CA ASP C 18 -36.65 18.40 -5.48
C ASP C 18 -35.30 18.99 -5.85
N LEU C 19 -34.31 18.12 -5.98
CA LEU C 19 -32.94 18.54 -5.91
C LEU C 19 -32.60 19.74 -6.76
N ASP C 20 -32.73 19.58 -8.08
CA ASP C 20 -32.27 20.57 -9.05
C ASP C 20 -32.64 21.94 -8.59
N VAL C 21 -33.96 22.11 -8.48
CA VAL C 21 -34.55 23.36 -8.05
C VAL C 21 -33.93 23.89 -6.77
N LEU C 22 -33.91 23.06 -5.73
CA LEU C 22 -33.38 23.49 -4.45
C LEU C 22 -31.91 23.89 -4.50
N ILE C 23 -31.08 23.07 -5.15
CA ILE C 23 -29.67 23.36 -5.24
C ILE C 23 -29.54 24.70 -5.93
N ASN C 24 -30.21 24.80 -7.07
CA ASN C 24 -30.17 25.99 -7.84
C ASN C 24 -30.61 27.24 -7.05
N PHE C 25 -31.56 27.08 -6.14
CA PHE C 25 -32.07 28.22 -5.37
C PHE C 25 -31.24 28.52 -4.13
N LEU C 26 -30.98 27.50 -3.35
CA LEU C 26 -30.13 27.68 -2.18
C LEU C 26 -28.69 28.03 -2.56
N GLU C 27 -28.17 27.47 -3.64
CA GLU C 27 -26.79 27.74 -4.04
C GLU C 27 -25.80 27.33 -2.96
N PRO C 28 -25.78 26.04 -2.58
CA PRO C 28 -24.88 25.59 -1.56
C PRO C 28 -23.46 25.39 -2.10
N ASP C 29 -22.49 25.49 -1.22
CA ASP C 29 -21.11 25.21 -1.57
C ASP C 29 -20.80 23.76 -1.31
N VAL C 30 -21.43 23.21 -0.29
CA VAL C 30 -21.25 21.81 -0.02
C VAL C 30 -22.57 21.09 -0.03
N LEU C 31 -22.54 19.89 -0.53
CA LEU C 31 -23.73 19.15 -0.68
C LEU C 31 -23.43 17.76 -0.11
N VAL C 32 -24.15 17.38 0.94
CA VAL C 32 -23.80 16.20 1.68
C VAL C 32 -24.43 14.98 1.08
N ASN C 33 -23.68 13.90 0.97
CA ASN C 33 -24.23 12.68 0.39
C ASN C 33 -24.36 11.63 1.48
N ALA C 34 -25.54 11.06 1.63
CA ALA C 34 -25.74 9.99 2.59
C ALA C 34 -25.22 8.72 1.97
N ALA C 35 -23.95 8.43 2.18
CA ALA C 35 -23.32 7.31 1.48
C ALA C 35 -23.29 6.03 2.27
N ASN C 36 -22.88 4.96 1.59
CA ASN C 36 -22.42 3.73 2.23
C ASN C 36 -20.91 3.66 2.14
N GLY C 37 -20.29 2.78 2.92
CA GLY C 37 -18.84 2.73 2.96
C GLY C 37 -18.22 2.38 1.63
N ASP C 38 -18.98 1.70 0.78
CA ASP C 38 -18.48 1.29 -0.51
C ASP C 38 -18.55 2.42 -1.51
N LEU C 39 -19.09 3.55 -1.10
CA LEU C 39 -19.40 4.64 -2.01
C LEU C 39 -20.15 4.18 -3.26
N ARG C 40 -21.06 3.23 -3.10
CA ARG C 40 -21.92 2.82 -4.21
C ARG C 40 -23.21 3.60 -4.20
N HIS C 41 -23.30 4.61 -5.04
CA HIS C 41 -24.43 5.52 -4.97
C HIS C 41 -25.61 4.97 -5.68
N VAL C 42 -25.98 3.82 -5.18
CA VAL C 42 -26.80 2.90 -5.86
C VAL C 42 -28.27 3.24 -5.83
N GLY C 43 -28.74 3.99 -4.85
CA GLY C 43 -30.16 4.29 -4.75
C GLY C 43 -30.45 5.43 -3.81
N GLY C 44 -31.73 5.66 -3.52
CA GLY C 44 -32.13 6.72 -2.62
C GLY C 44 -31.57 8.08 -2.98
N VAL C 45 -31.36 8.90 -1.97
CA VAL C 45 -30.83 10.23 -2.19
C VAL C 45 -29.41 10.19 -2.79
N ALA C 46 -28.66 9.13 -2.54
CA ALA C 46 -27.33 9.06 -3.09
C ALA C 46 -27.43 8.98 -4.60
N ARG C 47 -28.34 8.14 -5.11
CA ARG C 47 -28.54 8.09 -6.55
C ARG C 47 -28.94 9.46 -7.07
N ALA C 48 -29.85 10.14 -6.38
CA ALA C 48 -30.29 11.44 -6.88
C ALA C 48 -29.13 12.39 -7.02
N ILE C 49 -28.23 12.35 -6.05
CA ILE C 49 -27.10 13.25 -6.09
C ILE C 49 -26.15 12.84 -7.20
N ASP C 50 -25.91 11.54 -7.35
CA ASP C 50 -24.99 11.13 -8.37
C ASP C 50 -25.47 11.62 -9.72
N VAL C 51 -26.68 11.22 -10.08
CA VAL C 51 -27.30 11.73 -11.28
C VAL C 51 -27.17 13.24 -11.43
N PHE C 52 -27.48 13.99 -10.38
CA PHE C 52 -27.36 15.44 -10.47
C PHE C 52 -26.00 15.87 -11.01
N THR C 53 -24.97 15.13 -10.64
CA THR C 53 -23.60 15.41 -11.06
C THR C 53 -23.20 14.62 -12.31
N GLY C 54 -24.18 14.08 -13.01
CA GLY C 54 -23.89 13.29 -14.21
C GLY C 54 -22.88 12.17 -13.98
N GLY C 55 -23.02 11.47 -12.86
CA GLY C 55 -22.19 10.31 -12.60
C GLY C 55 -20.74 10.64 -12.22
N LYS C 56 -20.42 11.93 -12.09
CA LYS C 56 -19.06 12.33 -11.71
C LYS C 56 -18.73 11.94 -10.28
N LEU C 57 -19.73 12.07 -9.40
CA LEU C 57 -19.58 11.63 -8.05
C LEU C 57 -19.13 10.17 -8.03
N THR C 58 -19.78 9.32 -8.80
CA THR C 58 -19.36 7.92 -8.84
C THR C 58 -17.94 7.70 -9.38
N LYS C 59 -17.53 8.52 -10.35
CA LYS C 59 -16.21 8.35 -10.91
C LYS C 59 -15.20 8.75 -9.87
N ARG C 60 -15.50 9.83 -9.14
CA ARG C 60 -14.58 10.31 -8.14
C ARG C 60 -14.55 9.33 -6.99
N SER C 61 -15.62 8.56 -6.80
CA SER C 61 -15.63 7.64 -5.69
C SER C 61 -14.84 6.38 -6.00
N LYS C 62 -15.00 5.87 -7.22
CA LYS C 62 -14.27 4.68 -7.59
C LYS C 62 -12.80 4.96 -7.45
N GLU C 63 -12.38 6.14 -7.89
CA GLU C 63 -10.96 6.44 -7.85
C GLU C 63 -10.45 6.78 -6.45
N TYR C 64 -11.32 7.33 -5.59
CA TYR C 64 -10.93 7.60 -4.21
C TYR C 64 -10.50 6.31 -3.48
N LEU C 65 -11.19 5.21 -3.74
CA LEU C 65 -10.95 4.01 -2.95
C LEU C 65 -9.82 3.15 -3.50
N LYS C 66 -9.17 3.61 -4.56
CA LYS C 66 -8.01 2.91 -5.08
C LYS C 66 -6.79 3.28 -4.28
N SER C 67 -6.85 4.44 -3.64
CA SER C 67 -5.66 5.06 -3.11
C SER C 67 -5.89 5.58 -1.72
N SER C 68 -7.12 5.49 -1.24
CA SER C 68 -7.43 6.12 0.04
C SER C 68 -8.11 5.28 1.10
N LYS C 69 -8.06 5.79 2.32
CA LYS C 69 -8.62 5.14 3.50
C LYS C 69 -10.11 4.82 3.37
N ALA C 70 -10.51 3.60 3.75
CA ALA C 70 -11.92 3.24 3.81
C ALA C 70 -12.67 4.22 4.70
N ILE C 71 -13.94 4.45 4.42
CA ILE C 71 -14.74 5.34 5.27
C ILE C 71 -15.68 4.54 6.14
N ALA C 72 -15.29 4.35 7.39
CA ALA C 72 -16.08 3.52 8.29
C ALA C 72 -17.23 4.34 8.85
N PRO C 73 -18.37 3.70 9.14
CA PRO C 73 -19.50 4.49 9.56
C PRO C 73 -19.09 5.42 10.69
N GLY C 74 -19.56 6.66 10.65
CA GLY C 74 -19.18 7.66 11.63
C GLY C 74 -18.28 8.74 11.06
N ASN C 75 -17.94 8.62 9.77
CA ASN C 75 -17.00 9.52 9.10
C ASN C 75 -17.46 10.06 7.76
N ALA C 76 -16.78 11.08 7.26
CA ALA C 76 -17.11 11.62 5.95
C ALA C 76 -15.85 11.97 5.19
N VAL C 77 -15.92 12.04 3.87
CA VAL C 77 -14.82 12.62 3.12
C VAL C 77 -15.32 13.69 2.19
N LEU C 78 -14.55 14.75 2.04
CA LEU C 78 -14.94 15.82 1.15
C LEU C 78 -14.31 15.66 -0.24
N PHE C 79 -15.13 15.65 -1.28
CA PHE C 79 -14.61 15.72 -2.63
C PHE C 79 -14.81 17.16 -3.08
N GLU C 80 -13.74 17.87 -3.38
CA GLU C 80 -13.91 19.26 -3.75
C GLU C 80 -14.23 19.44 -5.22
N ASN C 81 -15.19 20.28 -5.54
CA ASN C 81 -15.49 20.54 -6.94
C ASN C 81 -15.82 19.33 -7.77
N VAL C 82 -16.70 18.48 -7.28
CA VAL C 82 -17.16 17.41 -8.13
C VAL C 82 -17.68 18.09 -9.38
N LEU C 83 -18.47 19.13 -9.19
CA LEU C 83 -18.87 20.03 -10.24
C LEU C 83 -18.20 21.34 -9.95
N GLU C 84 -18.20 22.27 -10.90
CA GLU C 84 -17.54 23.53 -10.63
C GLU C 84 -18.15 24.16 -9.41
N HIS C 85 -17.32 24.44 -8.39
CA HIS C 85 -17.75 25.22 -7.23
C HIS C 85 -18.78 24.47 -6.39
N LEU C 86 -18.83 23.17 -6.56
CA LEU C 86 -19.71 22.35 -5.76
C LEU C 86 -18.94 21.17 -5.21
N SER C 87 -18.85 21.10 -3.89
CA SER C 87 -18.23 19.96 -3.20
C SER C 87 -19.25 18.97 -2.74
N VAL C 88 -18.88 17.71 -2.67
CA VAL C 88 -19.78 16.76 -2.12
C VAL C 88 -19.06 16.14 -0.98
N LEU C 89 -19.72 16.12 0.17
CA LEU C 89 -19.17 15.48 1.34
C LEU C 89 -19.87 14.15 1.57
N ASN C 90 -19.14 13.07 1.36
CA ASN C 90 -19.66 11.71 1.49
C ASN C 90 -19.59 11.28 2.93
N ALA C 91 -20.74 11.27 3.61
CA ALA C 91 -20.79 10.97 5.02
C ALA C 91 -21.38 9.60 5.20
N VAL C 92 -20.71 8.75 5.95
CA VAL C 92 -21.23 7.40 6.10
C VAL C 92 -21.82 7.17 7.49
N GLY C 93 -23.14 7.02 7.55
CA GLY C 93 -23.80 6.79 8.83
C GLY C 93 -23.78 5.32 9.19
N PRO C 94 -24.26 4.99 10.39
CA PRO C 94 -24.36 3.62 10.77
C PRO C 94 -25.64 3.06 10.22
N ARG C 95 -25.78 1.76 10.32
CA ARG C 95 -26.94 1.03 9.84
C ARG C 95 -27.74 0.60 11.08
N ASN C 96 -29.05 0.54 10.99
CA ASN C 96 -29.83 0.16 12.17
C ASN C 96 -29.41 -1.21 12.64
N GLY C 97 -29.08 -1.34 13.93
CA GLY C 97 -28.63 -2.61 14.44
C GLY C 97 -27.12 -2.66 14.59
N ASP C 98 -26.43 -1.71 13.97
CA ASP C 98 -25.00 -1.56 14.19
C ASP C 98 -24.82 -1.29 15.67
N SER C 99 -23.60 -1.44 16.14
CA SER C 99 -23.31 -1.09 17.53
C SER C 99 -23.05 0.40 17.61
N ARG C 100 -23.36 1.01 18.75
CA ARG C 100 -23.08 2.41 18.97
C ARG C 100 -23.72 3.32 17.93
N VAL C 101 -24.90 2.92 17.47
CA VAL C 101 -25.62 3.63 16.41
C VAL C 101 -25.67 5.13 16.56
N GLU C 102 -25.59 5.62 17.79
CA GLU C 102 -25.92 7.02 17.96
C GLU C 102 -24.73 7.93 18.09
N GLY C 103 -23.62 7.39 18.56
CA GLY C 103 -22.42 8.19 18.71
C GLY C 103 -21.83 8.38 17.34
N LYS C 104 -22.08 7.38 16.48
CA LYS C 104 -21.67 7.44 15.09
C LYS C 104 -22.47 8.53 14.40
N LEU C 105 -23.78 8.42 14.38
CA LEU C 105 -24.55 9.50 13.81
C LEU C 105 -24.04 10.87 14.25
N CYS C 106 -23.81 11.07 15.53
CA CYS C 106 -23.49 12.42 16.00
C CYS C 106 -22.14 12.86 15.54
N ASN C 107 -21.31 11.86 15.28
CA ASN C 107 -19.97 12.12 14.87
C ASN C 107 -19.98 12.54 13.42
N VAL C 108 -20.85 11.91 12.65
CA VAL C 108 -21.04 12.31 11.27
C VAL C 108 -21.54 13.72 11.24
N TYR C 109 -22.55 14.04 12.02
CA TYR C 109 -23.09 15.39 12.00
C TYR C 109 -22.08 16.42 12.46
N LYS C 110 -21.13 15.99 13.28
CA LYS C 110 -20.01 16.85 13.67
C LYS C 110 -19.22 17.25 12.44
N ALA C 111 -18.82 16.25 11.65
CA ALA C 111 -18.04 16.47 10.44
C ALA C 111 -18.82 17.29 9.44
N ILE C 112 -20.13 17.11 9.41
CA ILE C 112 -20.95 17.90 8.52
C ILE C 112 -20.83 19.35 8.90
N ALA C 113 -20.88 19.63 10.19
CA ALA C 113 -20.82 21.01 10.64
C ALA C 113 -19.46 21.64 10.35
N LYS C 114 -18.38 20.86 10.40
CA LYS C 114 -17.05 21.41 10.18
C LYS C 114 -16.91 21.98 8.79
N CYS C 115 -17.71 21.51 7.85
CA CYS C 115 -17.54 21.91 6.47
C CYS C 115 -17.62 23.40 6.27
N ASP C 116 -17.06 23.88 5.16
CA ASP C 116 -17.08 25.32 4.87
C ASP C 116 -18.17 25.69 3.89
N GLY C 117 -18.87 26.79 4.17
CA GLY C 117 -19.81 27.36 3.21
C GLY C 117 -21.25 26.98 3.47
N LYS C 118 -22.12 27.23 2.50
CA LYS C 118 -23.51 26.86 2.68
C LYS C 118 -23.68 25.36 2.44
N ILE C 119 -24.47 24.72 3.28
CA ILE C 119 -24.62 23.27 3.20
C ILE C 119 -26.04 22.83 2.95
N LEU C 120 -26.20 21.86 2.04
CA LEU C 120 -27.47 21.22 1.88
C LEU C 120 -27.24 19.75 2.13
N THR C 121 -27.99 19.17 3.06
CA THR C 121 -27.76 17.79 3.48
C THR C 121 -29.05 17.06 3.73
N PRO C 122 -29.08 15.78 3.41
CA PRO C 122 -30.20 14.96 3.82
C PRO C 122 -30.02 14.50 5.25
N LEU C 123 -31.07 14.03 5.91
CA LEU C 123 -30.87 13.32 7.17
C LEU C 123 -30.03 12.07 6.92
N ILE C 124 -29.17 11.73 7.87
CA ILE C 124 -28.27 10.62 7.67
C ILE C 124 -28.82 9.26 8.12
N SER C 125 -28.45 8.23 7.38
CA SER C 125 -28.88 6.86 7.66
C SER C 125 -30.38 6.70 7.92
N VAL C 126 -31.17 7.46 7.19
CA VAL C 126 -32.60 7.37 7.33
C VAL C 126 -33.28 6.70 6.13
N GLY C 127 -32.50 6.21 5.20
CA GLY C 127 -33.10 5.58 4.05
C GLY C 127 -33.01 4.08 4.21
N ILE C 128 -32.03 3.49 3.55
CA ILE C 128 -31.92 2.05 3.48
C ILE C 128 -31.39 1.53 4.81
N PHE C 129 -30.51 2.30 5.43
CA PHE C 129 -29.95 1.92 6.72
C PHE C 129 -31.04 1.82 7.79
N LYS C 130 -32.14 2.52 7.60
CA LYS C 130 -33.33 2.38 8.44
C LYS C 130 -33.16 2.71 9.94
N VAL C 131 -32.47 3.79 10.27
CA VAL C 131 -32.44 4.22 11.64
C VAL C 131 -33.66 5.07 11.92
N LYS C 132 -34.40 4.79 12.98
CA LYS C 132 -35.56 5.62 13.27
C LYS C 132 -35.19 7.05 12.94
N LEU C 133 -36.07 7.75 12.24
CA LEU C 133 -35.78 9.14 11.86
C LEU C 133 -35.61 10.08 13.07
N GLU C 134 -36.28 9.75 14.16
CA GLU C 134 -36.19 10.56 15.37
C GLU C 134 -34.80 10.51 15.96
N VAL C 135 -34.19 9.34 15.98
CA VAL C 135 -32.85 9.22 16.50
C VAL C 135 -31.89 10.11 15.73
N SER C 136 -31.95 10.01 14.40
CA SER C 136 -31.04 10.73 13.52
C SER C 136 -31.25 12.22 13.64
N LEU C 137 -32.52 12.63 13.61
CA LEU C 137 -32.85 14.02 13.66
C LEU C 137 -32.45 14.61 15.00
N GLN C 138 -32.45 13.76 16.01
CA GLN C 138 -32.05 14.17 17.34
C GLN C 138 -30.59 14.56 17.38
N CYS C 139 -29.70 13.73 16.86
CA CYS C 139 -28.28 14.07 16.87
C CYS C 139 -28.01 15.31 16.06
N LEU C 140 -28.59 15.39 14.88
CA LEU C 140 -28.37 16.54 14.09
C LEU C 140 -28.58 17.72 15.00
N LEU C 141 -29.79 17.80 15.55
CA LEU C 141 -30.22 18.98 16.34
C LEU C 141 -29.40 19.18 17.58
N LYS C 142 -29.03 18.10 18.23
CA LYS C 142 -28.17 18.21 19.40
C LYS C 142 -26.72 18.60 19.04
N THR C 143 -26.28 18.35 17.81
CA THR C 143 -24.86 18.57 17.44
C THR C 143 -24.60 19.84 16.65
N VAL C 144 -25.39 20.08 15.62
CA VAL C 144 -25.16 21.24 14.76
C VAL C 144 -25.85 22.48 15.35
N THR C 145 -25.22 23.07 16.35
CA THR C 145 -25.93 24.04 17.20
C THR C 145 -25.68 25.51 16.89
N ASP C 146 -24.55 25.85 16.30
CA ASP C 146 -24.45 27.25 15.92
C ASP C 146 -24.02 27.46 14.49
N ARG C 147 -24.89 27.09 13.55
CA ARG C 147 -24.50 27.00 12.17
C ARG C 147 -25.74 26.91 11.33
N ASP C 148 -25.86 27.75 10.32
CA ASP C 148 -26.95 27.61 9.38
C ASP C 148 -26.81 26.27 8.71
N LEU C 149 -27.88 25.48 8.69
CA LEU C 149 -27.85 24.23 8.00
C LEU C 149 -29.15 24.07 7.24
N ASN C 150 -29.08 23.50 6.04
CA ASN C 150 -30.27 23.21 5.26
C ASN C 150 -30.47 21.74 5.13
N VAL C 151 -31.64 21.25 5.51
CA VAL C 151 -31.92 19.82 5.40
C VAL C 151 -32.77 19.46 4.17
N PHE C 152 -32.23 18.62 3.31
CA PHE C 152 -33.00 18.20 2.15
C PHE C 152 -33.90 17.06 2.56
N VAL C 153 -35.19 17.27 2.47
CA VAL C 153 -36.14 16.25 2.85
C VAL C 153 -36.68 15.55 1.61
N TYR C 154 -36.57 14.22 1.62
CA TYR C 154 -36.70 13.44 0.41
C TYR C 154 -38.11 12.97 0.10
N THR C 155 -38.77 12.33 1.06
CA THR C 155 -40.11 11.84 0.81
C THR C 155 -41.14 12.51 1.67
N ASP C 156 -42.40 12.27 1.34
CA ASP C 156 -43.50 12.74 2.15
C ASP C 156 -43.48 12.18 3.58
N GLN C 157 -43.30 10.87 3.74
CA GLN C 157 -43.30 10.33 5.09
C GLN C 157 -42.24 11.01 5.90
N GLU C 158 -41.13 11.33 5.25
CA GLU C 158 -40.07 12.04 5.94
C GLU C 158 -40.65 13.34 6.48
N ARG C 159 -41.29 14.10 5.60
CA ARG C 159 -41.87 15.36 5.98
C ARG C 159 -42.84 15.17 7.12
N VAL C 160 -43.74 14.22 6.96
CA VAL C 160 -44.70 13.96 8.00
C VAL C 160 -44.01 13.67 9.34
N THR C 161 -43.03 12.80 9.37
CA THR C 161 -42.54 12.46 10.67
C THR C 161 -41.68 13.56 11.29
N ILE C 162 -41.28 14.54 10.52
CA ILE C 162 -40.60 15.65 11.09
C ILE C 162 -41.65 16.49 11.76
N GLU C 163 -42.73 16.73 11.06
CA GLU C 163 -43.85 17.40 11.67
C GLU C 163 -44.03 16.83 13.05
N ASN C 164 -44.11 15.50 13.11
CA ASN C 164 -44.37 14.81 14.35
C ASN C 164 -43.33 15.10 15.37
N PHE C 165 -42.09 14.88 15.03
CA PHE C 165 -41.02 15.17 15.94
C PHE C 165 -41.30 16.49 16.53
N PHE C 166 -41.15 17.50 15.72
CA PHE C 166 -41.18 18.86 16.18
C PHE C 166 -42.38 19.25 16.97
N ASN C 167 -43.33 18.37 17.07
CA ASN C 167 -44.45 18.69 17.91
C ASN C 167 -44.88 17.55 18.74
N GLY C 168 -45.57 16.62 18.09
CA GLY C 168 -45.97 15.39 18.72
C GLY C 168 -44.83 14.80 19.50
CL CL D . 9.74 -0.74 -19.41
S SO4 E . -10.43 14.70 -20.63
O1 SO4 E . -11.79 15.00 -21.11
O2 SO4 E . -9.59 15.83 -21.08
O3 SO4 E . -10.29 14.51 -19.17
O4 SO4 E . -10.00 13.53 -21.39
C3 1GP F . 11.44 8.20 -19.49
O3 1GP F . 10.61 9.58 -17.69
C2 1GP F . 11.53 8.55 -18.00
O2 1GP F . 10.22 7.52 -19.73
C1 1GP F . 12.95 8.90 -17.51
O1P 1GP F . 13.27 7.99 -16.45
O2P 1GP F . 14.24 9.79 -14.97
O3P 1GP F . 15.67 7.80 -15.62
O4P 1GP F . 13.92 7.52 -13.93
P 1GP F . 14.29 8.28 -15.21
S SO4 G . -13.90 10.74 -16.18
O1 SO4 G . -12.51 10.94 -16.59
O2 SO4 G . -13.87 9.62 -15.23
O3 SO4 G . -14.44 11.98 -15.61
O4 SO4 G . -14.64 10.24 -17.36
S SO4 H . 7.38 -8.82 -12.03
O1 SO4 H . 5.94 -9.03 -11.96
O2 SO4 H . 7.79 -7.84 -11.02
O3 SO4 H . 8.09 -10.08 -11.80
O4 SO4 H . 7.75 -8.34 -13.37
CL CL I . 24.37 -14.71 -6.01
CL CL J . 15.37 -8.25 20.83
C3 1GP K . 18.08 -13.79 -1.29
O3 1GP K . 17.02 -12.66 0.53
C2 1GP K . 17.33 -13.95 0.04
O2 1GP K . 17.41 -14.49 -2.31
C1 1GP K . 18.15 -14.85 0.99
O1P 1GP K . 18.12 -14.52 2.39
O2P 1GP K . 19.66 -14.17 4.48
O3P 1GP K . 20.37 -15.66 2.68
O4P 1GP K . 18.57 -16.35 4.20
P 1GP K . 19.17 -15.18 3.45
S SO4 L . -17.96 -1.62 -11.41
O1 SO4 L . -19.25 -1.23 -10.82
O2 SO4 L . -17.65 -2.98 -10.92
O3 SO4 L . -18.08 -1.63 -12.86
O4 SO4 L . -16.91 -0.66 -11.08
S SO4 M . -35.52 5.40 -4.67
O1 SO4 M . -35.65 5.59 -6.11
O2 SO4 M . -36.78 4.93 -4.08
O3 SO4 M . -34.50 4.40 -4.39
O4 SO4 M . -35.18 6.69 -4.08
CL CL N . -24.85 -0.20 21.57
S SO4 O . -14.96 16.61 -18.40
O1 SO4 O . -15.41 16.54 -17.02
O2 SO4 O . -14.30 17.87 -18.62
O3 SO4 O . -13.97 15.51 -18.59
O4 SO4 O . -16.07 16.42 -19.31
C3 1GP P . -26.49 3.18 0.92
O3 1GP P . -27.48 4.80 -0.61
C2 1GP P . -27.63 4.20 0.67
O2 1GP P . -26.94 1.85 1.14
C1 1GP P . -27.64 5.27 1.79
O1P 1GP P . -28.18 4.83 3.04
O2P 1GP P . -28.20 6.91 4.62
O3P 1GP P . -29.47 4.91 5.25
O4P 1GP P . -30.29 6.25 3.45
P 1GP P . -29.03 5.76 4.10
#